data_8CQH
#
_entry.id   8CQH
#
_cell.length_a   38.250
_cell.length_b   71.655
_cell.length_c   50.413
_cell.angle_alpha   90.000
_cell.angle_beta   93.150
_cell.angle_gamma   90.000
#
_symmetry.space_group_name_H-M   'P 1 21 1'
#
loop_
_entity.id
_entity.type
_entity.pdbx_description
1 polymer 'Genome polyprotein'
2 non-polymer S-ADENOSYL-L-HOMOCYSTEINE
3 non-polymer "GUANOSINE-5'-TRIPHOSPHATE"
4 non-polymer 'MAGNESIUM ION'
5 water water
#
_entity_poly.entity_id   1
_entity_poly.type   'polypeptide(L)'
_entity_poly.pdbx_seq_one_letter_code
;SGGGRGRMLGEMWKAQLNQLTRQEFMEYRRDGIIEVDRSAARKARREGNVTGGHPVSRGTAKLRWMVERGFVKPHGKVID
LGCGRGGWSYYCATLKLVQEVKGYTKGGPGHEEPVMMQSYGWNLVSLKSGVDVFYRPSEQSDTLLCDIGEASPVPEIEEA
RTVKVLQMVEEWLSRGVEDFCVKILCPYMPKVLKELEKMQLRWGGGLIRVPLSRNSNHEMYWVSGASGNITNSVNTVSQM
LINRMNRTNRNGPKYEEDVHLGSGTRAV
;
_entity_poly.pdbx_strand_id   A
#
loop_
_chem_comp.id
_chem_comp.type
_chem_comp.name
_chem_comp.formula
GTP non-polymer GUANOSINE-5'-TRIPHOSPHATE 'C10 H16 N5 O14 P3'
MG non-polymer 'MAGNESIUM ION' 'Mg 2'
SAH non-polymer S-ADENOSYL-L-HOMOCYSTEINE 'C14 H20 N6 O5 S'
#
# COMPACT_ATOMS: atom_id res chain seq x y z
N ARG A 7 20.17 9.80 14.72
CA ARG A 7 19.64 9.22 13.48
C ARG A 7 18.91 7.91 13.76
N MET A 8 17.73 7.75 13.18
CA MET A 8 17.02 6.48 13.29
C MET A 8 17.77 5.40 12.53
N LEU A 9 17.67 4.17 13.02
CA LEU A 9 18.27 3.03 12.33
C LEU A 9 17.87 2.98 10.85
N GLY A 10 16.65 3.41 10.51
CA GLY A 10 16.22 3.34 9.13
C GLY A 10 17.04 4.20 8.20
N GLU A 11 17.59 5.31 8.71
CA GLU A 11 18.47 6.13 7.87
C GLU A 11 19.74 5.38 7.51
N MET A 12 20.29 4.63 8.47
CA MET A 12 21.45 3.79 8.17
C MET A 12 21.11 2.75 7.12
N TRP A 13 19.92 2.15 7.21
CA TRP A 13 19.49 1.18 6.23
C TRP A 13 19.44 1.79 4.83
N LYS A 14 18.82 2.96 4.70
CA LYS A 14 18.70 3.59 3.39
C LYS A 14 20.06 3.90 2.80
N ALA A 15 20.97 4.43 3.62
CA ALA A 15 22.32 4.70 3.17
C ALA A 15 23.05 3.43 2.76
N GLN A 16 22.92 2.37 3.57
CA GLN A 16 23.56 1.12 3.21
C GLN A 16 22.96 0.54 1.92
N LEU A 17 21.63 0.64 1.78
CA LEU A 17 20.96 0.17 0.57
C LEU A 17 21.53 0.85 -0.67
N ASN A 18 21.65 2.18 -0.62
CA ASN A 18 22.13 2.92 -1.77
C ASN A 18 23.57 2.59 -2.10
N GLN A 19 24.33 2.01 -1.16
CA GLN A 19 25.72 1.67 -1.43
C GLN A 19 25.89 0.29 -2.06
N LEU A 20 24.85 -0.55 -2.05
CA LEU A 20 24.98 -1.87 -2.66
C LEU A 20 25.32 -1.73 -4.13
N THR A 21 26.09 -2.67 -4.66
CA THR A 21 26.20 -2.76 -6.10
C THR A 21 24.83 -3.11 -6.67
N ARG A 22 24.68 -2.91 -7.98
CA ARG A 22 23.41 -3.29 -8.61
C ARG A 22 23.15 -4.78 -8.42
N GLN A 23 24.20 -5.60 -8.51
CA GLN A 23 24.01 -7.04 -8.41
C GLN A 23 23.65 -7.43 -6.97
N GLU A 24 24.26 -6.79 -5.96
CA GLU A 24 23.86 -7.02 -4.58
C GLU A 24 22.41 -6.57 -4.34
N PHE A 25 22.07 -5.38 -4.84
CA PHE A 25 20.71 -4.88 -4.68
C PHE A 25 19.69 -5.86 -5.25
N MET A 26 19.94 -6.36 -6.46
CA MET A 26 19.02 -7.29 -7.11
C MET A 26 18.91 -8.60 -6.34
N GLU A 27 20.00 -9.06 -5.74
CA GLU A 27 19.92 -10.28 -4.94
C GLU A 27 19.27 -10.04 -3.59
N TYR A 28 19.31 -8.79 -3.09
CA TYR A 28 18.78 -8.48 -1.76
C TYR A 28 17.30 -8.15 -1.78
N ARG A 29 16.82 -7.49 -2.84
CA ARG A 29 15.52 -6.81 -2.78
C ARG A 29 14.38 -7.78 -2.54
N ARG A 30 14.49 -9.03 -3.00
CA ARG A 30 13.41 -9.99 -2.79
C ARG A 30 13.82 -11.17 -1.92
N ASP A 31 14.94 -11.06 -1.20
CA ASP A 31 15.45 -12.19 -0.42
C ASP A 31 14.61 -12.38 0.84
N GLY A 32 13.90 -13.51 0.92
CA GLY A 32 13.16 -13.86 2.12
C GLY A 32 11.85 -13.15 2.31
N ILE A 33 11.39 -12.41 1.30
CA ILE A 33 10.08 -11.76 1.35
C ILE A 33 9.05 -12.77 0.88
N ILE A 34 7.76 -12.50 1.12
CA ILE A 34 6.69 -13.26 0.49
C ILE A 34 6.35 -12.60 -0.84
N GLU A 35 6.19 -13.40 -1.89
CA GLU A 35 5.85 -12.88 -3.20
C GLU A 35 4.77 -13.75 -3.82
N VAL A 36 3.67 -13.15 -4.26
CA VAL A 36 2.65 -13.96 -4.92
C VAL A 36 3.07 -14.19 -6.36
N ASP A 37 2.83 -15.40 -6.85
CA ASP A 37 3.10 -15.73 -8.25
C ASP A 37 2.09 -14.99 -9.12
N ARG A 38 2.57 -14.05 -9.93
CA ARG A 38 1.69 -13.27 -10.79
C ARG A 38 1.72 -13.70 -12.25
N SER A 39 2.34 -14.84 -12.56
CA SER A 39 2.50 -15.22 -13.97
C SER A 39 1.14 -15.36 -14.66
N ALA A 40 0.17 -15.98 -13.99
CA ALA A 40 -1.14 -16.16 -14.62
C ALA A 40 -1.86 -14.81 -14.77
N ALA A 41 -1.70 -13.92 -13.80
CA ALA A 41 -2.35 -12.61 -13.91
C ALA A 41 -1.73 -11.78 -15.03
N ARG A 42 -0.40 -11.85 -15.20
CA ARG A 42 0.24 -11.06 -16.24
C ARG A 42 -0.22 -11.54 -17.62
N LYS A 43 -0.35 -12.85 -17.78
CA LYS A 43 -0.90 -13.42 -19.01
C LYS A 43 -2.33 -12.93 -19.25
N ALA A 44 -3.15 -12.96 -18.21
CA ALA A 44 -4.55 -12.56 -18.35
C ALA A 44 -4.68 -11.10 -18.74
N ARG A 45 -3.76 -10.26 -18.27
CA ARG A 45 -3.76 -8.86 -18.70
C ARG A 45 -3.41 -8.71 -20.18
N ARG A 46 -2.43 -9.47 -20.65
CA ARG A 46 -2.09 -9.41 -22.08
C ARG A 46 -3.21 -9.96 -22.95
N GLU A 47 -3.93 -10.99 -22.48
CA GLU A 47 -5.03 -11.57 -23.23
C GLU A 47 -6.37 -10.91 -22.96
N GLY A 48 -6.41 -9.86 -22.14
CA GLY A 48 -7.66 -9.17 -21.87
C GLY A 48 -8.69 -10.01 -21.14
N ASN A 49 -8.25 -10.93 -20.28
CA ASN A 49 -9.15 -11.78 -19.52
C ASN A 49 -9.59 -11.05 -18.24
N VAL A 50 -10.84 -10.61 -18.19
CA VAL A 50 -11.36 -9.81 -17.08
C VAL A 50 -12.28 -10.60 -16.15
N THR A 51 -12.46 -11.91 -16.40
CA THR A 51 -13.38 -12.71 -15.62
C THR A 51 -12.70 -13.87 -14.90
N GLY A 52 -11.40 -14.05 -15.10
CA GLY A 52 -10.65 -15.12 -14.49
C GLY A 52 -10.29 -14.93 -13.03
N GLY A 53 -10.64 -13.79 -12.44
CA GLY A 53 -10.35 -13.55 -11.04
C GLY A 53 -8.94 -13.09 -10.72
N HIS A 54 -8.14 -12.78 -11.72
CA HIS A 54 -6.78 -12.35 -11.46
C HIS A 54 -6.77 -10.88 -11.05
N PRO A 55 -6.10 -10.52 -9.94
CA PRO A 55 -6.00 -9.11 -9.57
C PRO A 55 -5.22 -8.30 -10.58
N VAL A 56 -5.58 -7.02 -10.70
CA VAL A 56 -4.94 -6.15 -11.69
C VAL A 56 -3.53 -5.74 -11.29
N SER A 57 -3.15 -5.97 -10.04
CA SER A 57 -1.85 -5.54 -9.55
C SER A 57 -1.45 -6.39 -8.36
N ARG A 58 -0.19 -6.22 -7.95
CA ARG A 58 0.32 -6.84 -6.74
C ARG A 58 -0.26 -6.23 -5.47
N GLY A 59 -0.95 -5.09 -5.58
CA GLY A 59 -1.49 -4.43 -4.41
C GLY A 59 -2.63 -5.18 -3.74
N THR A 60 -3.41 -5.92 -4.53
CA THR A 60 -4.51 -6.71 -3.97
C THR A 60 -4.02 -7.63 -2.86
N ALA A 61 -2.97 -8.40 -3.14
CA ALA A 61 -2.41 -9.32 -2.16
C ALA A 61 -1.96 -8.60 -0.89
N LYS A 62 -1.43 -7.38 -1.04
CA LYS A 62 -0.97 -6.66 0.14
C LYS A 62 -2.13 -6.22 1.02
N LEU A 63 -3.19 -5.70 0.43
CA LEU A 63 -4.36 -5.33 1.22
C LEU A 63 -5.07 -6.56 1.76
N ARG A 64 -5.10 -7.66 1.00
CA ARG A 64 -5.69 -8.88 1.50
C ARG A 64 -4.97 -9.34 2.77
N TRP A 65 -3.62 -9.31 2.74
CA TRP A 65 -2.84 -9.66 3.93
C TRP A 65 -3.31 -8.88 5.15
N MET A 66 -3.51 -7.56 4.99
CA MET A 66 -3.91 -6.74 6.13
C MET A 66 -5.36 -6.99 6.52
N VAL A 67 -6.25 -7.14 5.54
CA VAL A 67 -7.67 -7.34 5.87
C VAL A 67 -7.86 -8.66 6.60
N GLU A 68 -7.18 -9.72 6.17
CA GLU A 68 -7.44 -11.02 6.77
C GLU A 68 -6.92 -11.11 8.20
N ARG A 69 -6.03 -10.21 8.62
CA ARG A 69 -5.56 -10.15 9.99
C ARG A 69 -6.27 -9.09 10.81
N GLY A 70 -7.33 -8.48 10.27
CA GLY A 70 -8.12 -7.52 11.02
C GLY A 70 -7.48 -6.16 11.21
N PHE A 71 -6.43 -5.82 10.45
CA PHE A 71 -5.81 -4.51 10.63
C PHE A 71 -6.64 -3.38 10.04
N VAL A 72 -7.48 -3.69 9.06
CA VAL A 72 -8.46 -2.75 8.52
C VAL A 72 -9.67 -3.59 8.11
N LYS A 73 -10.85 -2.98 8.22
CA LYS A 73 -12.11 -3.70 7.99
C LYS A 73 -12.95 -2.91 7.00
N PRO A 74 -12.68 -3.04 5.70
CA PRO A 74 -13.43 -2.26 4.71
C PRO A 74 -14.91 -2.55 4.80
N HIS A 75 -15.71 -1.49 4.73
CA HIS A 75 -17.16 -1.60 4.83
C HIS A 75 -17.77 -0.30 4.32
N GLY A 76 -19.06 -0.36 4.00
CA GLY A 76 -19.79 0.83 3.58
C GLY A 76 -19.20 1.45 2.33
N LYS A 77 -19.07 2.77 2.35
CA LYS A 77 -18.44 3.50 1.26
C LYS A 77 -16.93 3.53 1.45
N VAL A 78 -16.21 2.95 0.49
CA VAL A 78 -14.75 2.92 0.51
C VAL A 78 -14.24 3.95 -0.49
N ILE A 79 -13.30 4.78 -0.07
CA ILE A 79 -12.59 5.68 -0.97
C ILE A 79 -11.14 5.25 -1.02
N ASP A 80 -10.61 5.10 -2.24
CA ASP A 80 -9.28 4.57 -2.51
C ASP A 80 -8.47 5.67 -3.18
N LEU A 81 -7.63 6.37 -2.41
CA LEU A 81 -6.85 7.48 -2.93
C LEU A 81 -5.57 6.97 -3.57
N GLY A 82 -5.33 7.34 -4.81
CA GLY A 82 -4.22 6.81 -5.57
C GLY A 82 -4.49 5.36 -5.92
N CYS A 83 -5.60 5.13 -6.63
CA CYS A 83 -6.03 3.76 -6.88
C CYS A 83 -5.22 3.06 -7.98
N GLY A 84 -4.51 3.81 -8.81
CA GLY A 84 -3.77 3.19 -9.89
C GLY A 84 -4.65 2.30 -10.76
N ARG A 85 -4.20 1.06 -10.99
CA ARG A 85 -4.96 0.14 -11.82
C ARG A 85 -6.24 -0.31 -11.13
N GLY A 86 -6.24 -0.36 -9.80
CA GLY A 86 -7.46 -0.60 -9.04
C GLY A 86 -7.42 -1.81 -8.15
N GLY A 87 -6.23 -2.33 -7.84
CA GLY A 87 -6.12 -3.56 -7.08
C GLY A 87 -6.79 -3.51 -5.72
N TRP A 88 -6.62 -2.41 -4.99
CA TRP A 88 -7.29 -2.30 -3.69
C TRP A 88 -8.79 -2.13 -3.85
N SER A 89 -9.21 -1.38 -4.87
CA SER A 89 -10.63 -1.09 -5.04
C SER A 89 -11.40 -2.34 -5.41
N TYR A 90 -10.89 -3.10 -6.39
CA TYR A 90 -11.59 -4.32 -6.80
C TYR A 90 -11.61 -5.34 -5.67
N TYR A 91 -10.54 -5.41 -4.87
CA TYR A 91 -10.54 -6.33 -3.75
C TYR A 91 -11.63 -5.97 -2.74
N CYS A 92 -11.72 -4.68 -2.39
CA CYS A 92 -12.72 -4.26 -1.41
C CYS A 92 -14.13 -4.57 -1.89
N ALA A 93 -14.40 -4.41 -3.18
CA ALA A 93 -15.73 -4.69 -3.70
C ALA A 93 -16.11 -6.16 -3.62
N THR A 94 -15.16 -7.07 -3.38
CA THR A 94 -15.54 -8.46 -3.13
C THR A 94 -16.00 -8.70 -1.70
N LEU A 95 -15.83 -7.73 -0.80
CA LEU A 95 -16.05 -7.97 0.61
C LEU A 95 -17.50 -7.69 1.00
N LYS A 96 -18.05 -8.58 1.83
CA LYS A 96 -19.50 -8.58 2.09
C LYS A 96 -19.97 -7.23 2.64
N LEU A 97 -19.21 -6.64 3.56
CA LEU A 97 -19.67 -5.42 4.21
C LEU A 97 -19.50 -4.19 3.34
N VAL A 98 -18.77 -4.28 2.24
CA VAL A 98 -18.52 -3.13 1.39
C VAL A 98 -19.70 -2.93 0.44
N GLN A 99 -20.13 -1.67 0.28
CA GLN A 99 -21.29 -1.33 -0.53
C GLN A 99 -20.96 -0.54 -1.78
N GLU A 100 -19.92 0.28 -1.75
CA GLU A 100 -19.59 1.15 -2.86
C GLU A 100 -18.10 1.48 -2.76
N VAL A 101 -17.42 1.49 -3.89
CA VAL A 101 -16.00 1.83 -3.93
C VAL A 101 -15.80 2.93 -4.95
N LYS A 102 -15.12 4.00 -4.54
CA LYS A 102 -14.71 5.09 -5.40
C LYS A 102 -13.19 5.18 -5.33
N GLY A 103 -12.53 5.08 -6.48
CA GLY A 103 -11.08 5.17 -6.55
C GLY A 103 -10.68 6.38 -7.37
N TYR A 104 -9.65 7.08 -6.90
CA TYR A 104 -9.11 8.25 -7.59
C TYR A 104 -7.64 8.02 -7.88
N THR A 105 -7.20 8.35 -9.10
CA THR A 105 -5.78 8.24 -9.41
C THR A 105 -5.41 9.26 -10.48
N LYS A 106 -4.12 9.58 -10.53
CA LYS A 106 -3.64 10.66 -11.39
C LYS A 106 -3.63 10.25 -12.85
N GLY A 107 -3.15 9.05 -13.15
CA GLY A 107 -3.05 8.60 -14.53
C GLY A 107 -2.10 9.48 -15.33
N GLY A 108 -2.21 9.35 -16.65
CA GLY A 108 -1.38 10.13 -17.54
C GLY A 108 0.01 9.57 -17.68
N PRO A 109 0.90 10.32 -18.32
CA PRO A 109 2.23 9.79 -18.68
C PRO A 109 3.00 9.34 -17.45
N GLY A 110 3.44 8.07 -17.49
CA GLY A 110 4.22 7.49 -16.43
C GLY A 110 3.45 7.04 -15.21
N HIS A 111 2.12 7.13 -15.22
CA HIS A 111 1.30 6.71 -14.09
C HIS A 111 0.31 5.64 -14.54
N GLU A 112 -0.07 4.77 -13.63
CA GLU A 112 -0.96 3.67 -13.94
C GLU A 112 -2.37 4.16 -14.24
N GLU A 113 -2.98 3.61 -15.25
CA GLU A 113 -4.36 3.97 -15.52
C GLU A 113 -5.31 2.92 -14.95
N PRO A 114 -6.49 3.33 -14.51
CA PRO A 114 -7.49 2.35 -14.08
C PRO A 114 -7.78 1.30 -15.14
N VAL A 115 -7.92 0.06 -14.71
CA VAL A 115 -8.26 -1.08 -15.58
C VAL A 115 -9.69 -1.46 -15.27
N MET A 116 -10.49 -1.67 -16.31
CA MET A 116 -11.84 -2.18 -16.14
C MET A 116 -11.82 -3.69 -15.99
N MET A 117 -12.38 -4.18 -14.89
CA MET A 117 -12.38 -5.59 -14.57
C MET A 117 -13.78 -6.05 -14.22
N GLN A 118 -13.97 -7.36 -14.26
CA GLN A 118 -15.22 -8.00 -13.88
C GLN A 118 -14.98 -9.00 -12.78
N SER A 119 -14.14 -8.63 -11.83
CA SER A 119 -14.07 -9.37 -10.58
C SER A 119 -15.40 -9.27 -9.85
N TYR A 120 -15.58 -10.15 -8.87
CA TYR A 120 -16.83 -10.17 -8.11
C TYR A 120 -17.07 -8.80 -7.49
N GLY A 121 -18.25 -8.25 -7.72
CA GLY A 121 -18.60 -6.95 -7.20
C GLY A 121 -18.13 -5.78 -8.04
N TRP A 122 -17.67 -6.02 -9.27
CA TRP A 122 -17.08 -4.94 -10.07
C TRP A 122 -18.05 -3.78 -10.27
N ASN A 123 -19.35 -4.05 -10.31
CA ASN A 123 -20.33 -2.99 -10.55
C ASN A 123 -20.42 -1.99 -9.42
N LEU A 124 -19.85 -2.28 -8.24
CA LEU A 124 -19.81 -1.34 -7.12
C LEU A 124 -18.61 -0.40 -7.18
N VAL A 125 -17.74 -0.55 -8.18
CA VAL A 125 -16.48 0.17 -8.26
C VAL A 125 -16.57 1.24 -9.32
N SER A 126 -16.20 2.47 -8.96
N SER A 126 -16.15 2.45 -8.96
CA SER A 126 -16.05 3.57 -9.89
CA SER A 126 -16.05 3.58 -9.87
C SER A 126 -14.63 4.11 -9.74
C SER A 126 -14.64 4.17 -9.75
N LEU A 127 -13.82 3.96 -10.77
CA LEU A 127 -12.45 4.45 -10.79
C LEU A 127 -12.38 5.66 -11.72
N LYS A 128 -11.80 6.76 -11.23
CA LYS A 128 -11.68 7.99 -12.01
C LYS A 128 -10.20 8.34 -12.14
N SER A 129 -9.74 8.45 -13.38
CA SER A 129 -8.38 8.87 -13.69
C SER A 129 -8.33 10.40 -13.86
N GLY A 130 -7.12 10.94 -14.07
CA GLY A 130 -6.99 12.37 -14.22
C GLY A 130 -7.24 13.19 -12.96
N VAL A 131 -7.18 12.55 -11.79
CA VAL A 131 -7.48 13.20 -10.52
C VAL A 131 -6.19 13.32 -9.70
N ASP A 132 -5.78 14.54 -9.39
CA ASP A 132 -4.71 14.81 -8.44
C ASP A 132 -5.36 14.97 -7.07
N VAL A 133 -5.19 13.97 -6.20
CA VAL A 133 -5.91 13.97 -4.94
C VAL A 133 -5.42 15.06 -4.00
N PHE A 134 -4.23 15.61 -4.23
CA PHE A 134 -3.70 16.63 -3.35
C PHE A 134 -4.46 17.94 -3.48
N TYR A 135 -5.19 18.12 -4.56
CA TYR A 135 -6.01 19.31 -4.79
C TYR A 135 -7.49 18.95 -4.95
N ARG A 136 -7.88 17.74 -4.50
CA ARG A 136 -9.28 17.38 -4.63
C ARG A 136 -10.00 17.60 -3.31
N PRO A 137 -11.15 18.26 -3.31
CA PRO A 137 -11.91 18.43 -2.07
C PRO A 137 -12.27 17.08 -1.47
N SER A 138 -12.29 17.05 -0.13
CA SER A 138 -12.55 15.80 0.58
C SER A 138 -14.02 15.42 0.49
N GLU A 139 -14.27 14.12 0.65
CA GLU A 139 -15.61 13.56 0.59
C GLU A 139 -15.81 12.66 1.81
N GLN A 140 -17.07 12.39 2.13
CA GLN A 140 -17.38 11.45 3.19
C GLN A 140 -17.04 10.03 2.77
N SER A 141 -16.60 9.23 3.73
CA SER A 141 -16.39 7.81 3.49
C SER A 141 -16.46 7.07 4.82
N ASP A 142 -16.76 5.77 4.72
CA ASP A 142 -16.66 4.88 5.88
C ASP A 142 -15.27 4.27 6.00
N THR A 143 -14.63 4.00 4.87
CA THR A 143 -13.29 3.41 4.80
C THR A 143 -12.43 4.28 3.90
N LEU A 144 -11.29 4.72 4.41
CA LEU A 144 -10.36 5.52 3.63
C LEU A 144 -9.09 4.72 3.40
N LEU A 145 -8.76 4.49 2.14
CA LEU A 145 -7.50 3.85 1.77
C LEU A 145 -6.65 4.86 1.01
N CYS A 146 -5.33 4.78 1.21
CA CYS A 146 -4.40 5.58 0.44
C CYS A 146 -3.11 4.79 0.27
N ASP A 147 -2.67 4.62 -0.98
CA ASP A 147 -1.49 3.83 -1.32
C ASP A 147 -0.47 4.66 -2.10
N ILE A 148 -0.34 5.93 -1.75
CA ILE A 148 0.49 6.88 -2.50
C ILE A 148 1.85 7.04 -1.81
N GLY A 149 2.89 7.11 -2.62
CA GLY A 149 4.23 7.35 -2.12
C GLY A 149 5.27 6.85 -3.10
N GLU A 150 5.85 7.78 -3.86
CA GLU A 150 6.80 7.43 -4.90
C GLU A 150 8.21 7.37 -4.32
N ALA A 151 8.93 6.29 -4.59
CA ALA A 151 10.25 6.10 -4.00
C ALA A 151 11.24 7.11 -4.58
N SER A 152 12.26 7.42 -3.80
CA SER A 152 13.40 8.21 -4.25
C SER A 152 14.62 7.72 -3.48
N PRO A 153 15.80 7.76 -4.09
CA PRO A 153 17.02 7.39 -3.34
C PRO A 153 17.40 8.42 -2.28
N VAL A 154 16.82 9.62 -2.33
CA VAL A 154 17.10 10.68 -1.39
C VAL A 154 16.06 10.59 -0.25
N PRO A 155 16.45 10.22 0.96
CA PRO A 155 15.42 10.03 2.01
C PRO A 155 14.64 11.30 2.36
N GLU A 156 15.27 12.47 2.24
CA GLU A 156 14.54 13.72 2.47
C GLU A 156 13.43 13.93 1.44
N ILE A 157 13.63 13.44 0.22
CA ILE A 157 12.58 13.54 -0.79
C ILE A 157 11.43 12.60 -0.43
N GLU A 158 11.75 11.38 0.00
CA GLU A 158 10.71 10.46 0.44
C GLU A 158 10.00 11.00 1.68
N GLU A 159 10.77 11.59 2.60
CA GLU A 159 10.21 12.24 3.77
C GLU A 159 9.16 13.29 3.38
N ALA A 160 9.55 14.24 2.51
CA ALA A 160 8.61 15.29 2.12
C ALA A 160 7.36 14.70 1.45
N ARG A 161 7.54 13.69 0.59
CA ARG A 161 6.40 13.09 -0.08
C ARG A 161 5.46 12.41 0.91
N THR A 162 6.02 11.72 1.90
CA THR A 162 5.17 11.07 2.91
C THR A 162 4.39 12.11 3.72
N VAL A 163 5.06 13.21 4.11
CA VAL A 163 4.38 14.23 4.90
C VAL A 163 3.20 14.82 4.14
N LYS A 164 3.35 15.00 2.82
CA LYS A 164 2.26 15.54 2.01
C LYS A 164 1.07 14.60 2.01
N VAL A 165 1.31 13.29 1.91
CA VAL A 165 0.23 12.33 2.01
C VAL A 165 -0.47 12.44 3.36
N LEU A 166 0.30 12.56 4.44
CA LEU A 166 -0.30 12.64 5.76
C LEU A 166 -1.14 13.89 5.91
N GLN A 167 -0.66 15.02 5.37
CA GLN A 167 -1.43 16.26 5.46
C GLN A 167 -2.70 16.18 4.63
N MET A 168 -2.64 15.49 3.50
CA MET A 168 -3.82 15.24 2.70
C MET A 168 -4.82 14.33 3.43
N VAL A 169 -4.34 13.22 4.02
CA VAL A 169 -5.28 12.29 4.63
C VAL A 169 -5.89 12.88 5.90
N GLU A 170 -5.21 13.83 6.56
CA GLU A 170 -5.83 14.53 7.68
C GLU A 170 -7.17 15.13 7.27
N GLU A 171 -7.24 15.76 6.09
CA GLU A 171 -8.50 16.38 5.66
C GLU A 171 -9.59 15.34 5.42
N TRP A 172 -9.22 14.17 4.88
CA TRP A 172 -10.21 13.16 4.56
C TRP A 172 -10.68 12.39 5.79
N LEU A 173 -9.80 12.21 6.78
CA LEU A 173 -10.16 11.46 7.97
C LEU A 173 -11.24 12.17 8.80
N SER A 174 -11.31 13.50 8.72
CA SER A 174 -12.34 14.22 9.47
C SER A 174 -13.73 14.17 8.81
N ARG A 175 -13.90 13.41 7.73
CA ARG A 175 -15.20 13.30 7.07
C ARG A 175 -15.86 11.95 7.35
N GLY A 176 -15.92 11.55 8.63
CA GLY A 176 -16.72 10.41 9.04
C GLY A 176 -16.10 9.05 8.88
N VAL A 177 -14.78 8.95 8.94
CA VAL A 177 -14.07 7.72 8.57
C VAL A 177 -13.97 6.80 9.77
N GLU A 178 -14.43 5.55 9.59
CA GLU A 178 -14.38 4.54 10.64
C GLU A 178 -13.17 3.62 10.53
N ASP A 179 -12.72 3.28 9.32
CA ASP A 179 -11.59 2.40 9.07
C ASP A 179 -10.63 3.07 8.10
N PHE A 180 -9.33 2.82 8.27
CA PHE A 180 -8.38 3.40 7.33
C PHE A 180 -7.12 2.54 7.19
N CYS A 181 -6.43 2.75 6.07
CA CYS A 181 -5.19 2.05 5.74
C CYS A 181 -4.42 2.97 4.81
N VAL A 182 -3.30 3.51 5.28
CA VAL A 182 -2.58 4.56 4.59
C VAL A 182 -1.12 4.16 4.48
N LYS A 183 -0.62 4.09 3.25
CA LYS A 183 0.79 3.80 3.06
C LYS A 183 1.66 4.93 3.61
N ILE A 184 2.65 4.55 4.40
CA ILE A 184 3.69 5.44 4.92
C ILE A 184 4.98 5.07 4.19
N LEU A 185 5.31 5.82 3.14
CA LEU A 185 6.44 5.46 2.28
C LEU A 185 7.75 5.40 3.07
N CYS A 186 7.99 6.42 3.89
CA CYS A 186 9.30 6.63 4.53
C CYS A 186 9.08 6.90 6.01
N PRO A 187 8.84 5.85 6.80
CA PRO A 187 8.41 6.05 8.18
C PRO A 187 9.53 6.37 9.15
N TYR A 188 10.80 6.34 8.73
CA TYR A 188 11.91 6.52 9.66
C TYR A 188 12.49 7.94 9.68
N MET A 189 11.92 8.90 8.89
CA MET A 189 12.56 10.20 8.89
C MET A 189 11.85 11.15 9.84
N PRO A 190 12.56 12.16 10.37
CA PRO A 190 12.04 12.94 11.51
C PRO A 190 10.71 13.63 11.25
N LYS A 191 10.49 14.19 10.06
CA LYS A 191 9.25 14.90 9.81
C LYS A 191 8.07 13.96 9.76
N VAL A 192 8.28 12.75 9.25
CA VAL A 192 7.22 11.75 9.20
C VAL A 192 6.87 11.26 10.61
N LEU A 193 7.89 10.92 11.39
CA LEU A 193 7.65 10.46 12.75
C LEU A 193 6.89 11.51 13.57
N LYS A 194 7.30 12.78 13.46
CA LYS A 194 6.62 13.84 14.19
C LYS A 194 5.15 13.93 13.80
N GLU A 195 4.87 13.88 12.49
CA GLU A 195 3.50 14.00 12.02
C GLU A 195 2.67 12.77 12.35
N LEU A 196 3.25 11.57 12.17
CA LEU A 196 2.53 10.34 12.50
C LEU A 196 2.15 10.28 13.98
N GLU A 197 3.06 10.68 14.87
CA GLU A 197 2.75 10.64 16.28
C GLU A 197 1.56 11.55 16.63
N LYS A 198 1.49 12.73 16.02
CA LYS A 198 0.33 13.59 16.25
C LYS A 198 -0.93 12.98 15.65
N MET A 199 -0.84 12.38 14.47
CA MET A 199 -2.03 11.77 13.88
C MET A 199 -2.47 10.51 14.62
N GLN A 200 -1.53 9.75 15.19
CA GLN A 200 -1.91 8.61 16.02
C GLN A 200 -2.61 9.08 17.30
N LEU A 201 -2.15 10.20 17.87
CA LEU A 201 -2.80 10.74 19.06
C LEU A 201 -4.25 11.12 18.73
N ARG A 202 -4.48 11.69 17.54
CA ARG A 202 -5.82 12.15 17.19
C ARG A 202 -6.70 10.99 16.72
N TRP A 203 -6.18 10.17 15.81
CA TRP A 203 -6.96 9.16 15.10
C TRP A 203 -6.66 7.72 15.50
N GLY A 204 -5.66 7.48 16.34
CA GLY A 204 -5.41 6.13 16.78
C GLY A 204 -4.64 5.31 15.75
N GLY A 205 -4.79 4.00 15.85
CA GLY A 205 -4.17 3.11 14.90
C GLY A 205 -2.70 2.85 15.24
N GLY A 206 -2.03 2.19 14.28
CA GLY A 206 -0.65 1.79 14.46
C GLY A 206 -0.05 1.45 13.12
N LEU A 207 1.27 1.29 13.11
CA LEU A 207 2.02 1.02 11.88
C LEU A 207 2.37 -0.45 11.79
N ILE A 208 2.18 -1.03 10.61
CA ILE A 208 2.49 -2.43 10.38
C ILE A 208 3.30 -2.58 9.10
N ARG A 209 4.09 -3.63 9.06
CA ARG A 209 4.92 -4.00 7.91
C ARG A 209 4.28 -5.22 7.26
N VAL A 210 3.94 -5.10 5.98
CA VAL A 210 3.41 -6.24 5.24
C VAL A 210 4.59 -7.01 4.67
N PRO A 211 4.68 -8.33 4.88
CA PRO A 211 5.87 -9.08 4.45
C PRO A 211 5.99 -9.28 2.94
N LEU A 212 4.97 -8.89 2.18
CA LEU A 212 5.04 -8.82 0.72
C LEU A 212 5.78 -7.58 0.25
N SER A 213 6.03 -6.63 1.13
CA SER A 213 6.88 -5.51 0.78
C SER A 213 8.31 -5.97 0.53
N ARG A 214 8.93 -5.43 -0.51
CA ARG A 214 10.28 -5.81 -0.89
C ARG A 214 11.28 -5.23 0.10
N ASN A 215 12.46 -5.88 0.21
CA ASN A 215 13.51 -5.36 1.08
C ASN A 215 14.09 -4.05 0.58
N SER A 216 13.83 -3.69 -0.68
CA SER A 216 14.32 -2.43 -1.22
C SER A 216 13.48 -1.23 -0.78
N ASN A 217 12.47 -1.43 0.07
CA ASN A 217 11.74 -0.28 0.61
C ASN A 217 11.45 -0.51 2.09
N HIS A 218 11.13 0.59 2.78
CA HIS A 218 10.82 0.58 4.21
C HIS A 218 9.34 0.92 4.46
N GLU A 219 8.52 0.79 3.42
CA GLU A 219 7.12 1.20 3.52
C GLU A 219 6.41 0.46 4.65
N MET A 220 5.56 1.19 5.36
CA MET A 220 4.71 0.61 6.39
C MET A 220 3.31 1.19 6.20
N TYR A 221 2.32 0.54 6.79
CA TYR A 221 0.94 0.99 6.63
C TYR A 221 0.39 1.43 7.98
N TRP A 222 -0.14 2.65 8.02
CA TRP A 222 -0.82 3.17 9.19
C TRP A 222 -2.27 2.71 9.08
N VAL A 223 -2.69 1.79 9.96
CA VAL A 223 -3.99 1.13 9.82
C VAL A 223 -4.77 1.30 11.10
N SER A 224 -6.10 1.41 10.97
CA SER A 224 -6.93 1.75 12.12
C SER A 224 -7.05 0.62 13.12
N GLY A 225 -6.77 -0.62 12.72
CA GLY A 225 -6.92 -1.77 13.58
C GLY A 225 -5.65 -2.23 14.28
N ALA A 226 -4.57 -1.47 14.17
CA ALA A 226 -3.32 -1.78 14.86
C ALA A 226 -3.09 -0.78 15.98
N SER A 227 -2.06 -1.01 16.75
CA SER A 227 -1.70 -0.11 17.85
C SER A 227 -0.22 -0.31 18.14
N GLY A 228 0.29 0.42 19.11
CA GLY A 228 1.68 0.24 19.48
C GLY A 228 2.55 1.44 19.20
N ASN A 229 3.64 1.54 19.94
CA ASN A 229 4.56 2.66 19.80
C ASN A 229 5.15 2.75 18.39
N ILE A 230 5.04 3.94 17.79
CA ILE A 230 5.44 4.08 16.39
C ILE A 230 6.95 3.94 16.24
N THR A 231 7.72 4.60 17.09
CA THR A 231 9.17 4.50 17.02
C THR A 231 9.64 3.05 17.13
N ASN A 232 9.05 2.30 18.06
CA ASN A 232 9.42 0.89 18.22
C ASN A 232 9.09 0.09 16.97
N SER A 233 7.91 0.30 16.39
CA SER A 233 7.51 -0.42 15.19
C SER A 233 8.46 -0.16 14.03
N VAL A 234 8.89 1.09 13.87
CA VAL A 234 9.77 1.45 12.76
C VAL A 234 11.15 0.82 12.94
N ASN A 235 11.71 0.95 14.14
CA ASN A 235 13.02 0.37 14.42
C ASN A 235 13.03 -1.14 14.22
N THR A 236 11.95 -1.82 14.60
CA THR A 236 11.87 -3.26 14.41
C THR A 236 12.02 -3.62 12.93
N VAL A 237 11.32 -2.89 12.06
CA VAL A 237 11.48 -3.10 10.62
C VAL A 237 12.91 -2.81 10.20
N SER A 238 13.47 -1.67 10.64
CA SER A 238 14.80 -1.29 10.20
C SER A 238 15.82 -2.36 10.57
N GLN A 239 15.72 -2.90 11.79
CA GLN A 239 16.67 -3.93 12.20
C GLN A 239 16.52 -5.20 11.36
N MET A 240 15.28 -5.58 11.05
CA MET A 240 15.06 -6.75 10.21
C MET A 240 15.63 -6.54 8.81
N LEU A 241 15.43 -5.36 8.22
CA LEU A 241 15.92 -5.09 6.87
C LEU A 241 17.46 -5.05 6.83
N ILE A 242 18.09 -4.52 7.87
CA ILE A 242 19.54 -4.48 7.91
C ILE A 242 20.09 -5.89 8.14
N ASN A 243 19.45 -6.66 9.01
CA ASN A 243 19.88 -8.05 9.22
C ASN A 243 19.83 -8.83 7.91
N ARG A 244 18.77 -8.64 7.12
CA ARG A 244 18.67 -9.31 5.83
C ARG A 244 19.77 -8.85 4.89
N MET A 245 20.08 -7.55 4.91
CA MET A 245 21.12 -7.02 4.03
C MET A 245 22.48 -7.62 4.35
N ASN A 246 22.74 -7.92 5.62
CA ASN A 246 24.06 -8.39 6.05
C ASN A 246 24.20 -9.90 6.00
N ARG A 247 23.32 -10.60 5.29
CA ARG A 247 23.48 -12.01 5.01
C ARG A 247 23.95 -12.20 3.56
N THR A 248 24.87 -13.14 3.35
CA THR A 248 25.34 -13.41 2.00
C THR A 248 24.59 -14.56 1.34
N ASN A 249 23.98 -15.47 2.09
CA ASN A 249 23.37 -16.65 1.51
C ASN A 249 21.92 -16.34 1.18
N ARG A 250 21.66 -16.08 -0.11
CA ARG A 250 20.39 -15.57 -0.58
C ARG A 250 19.55 -16.72 -1.14
N ASN A 251 18.23 -16.64 -0.92
CA ASN A 251 17.30 -17.67 -1.37
C ASN A 251 16.19 -17.13 -2.25
N GLY A 252 16.08 -15.82 -2.42
CA GLY A 252 14.97 -15.25 -3.14
C GLY A 252 13.69 -15.33 -2.32
N PRO A 253 12.57 -15.04 -2.95
CA PRO A 253 11.31 -14.90 -2.20
C PRO A 253 10.69 -16.25 -1.87
N LYS A 254 9.81 -16.22 -0.87
CA LYS A 254 8.92 -17.32 -0.57
C LYS A 254 7.64 -17.10 -1.37
N TYR A 255 7.34 -18.02 -2.26
CA TYR A 255 6.22 -17.83 -3.17
C TYR A 255 4.92 -18.25 -2.52
N GLU A 256 3.87 -17.50 -2.80
CA GLU A 256 2.53 -17.84 -2.36
C GLU A 256 1.57 -17.62 -3.52
N GLU A 257 0.33 -18.03 -3.31
CA GLU A 257 -0.69 -17.92 -4.34
C GLU A 257 -1.34 -16.55 -4.28
N ASP A 258 -1.59 -15.97 -5.45
CA ASP A 258 -2.29 -14.71 -5.55
C ASP A 258 -3.75 -14.87 -5.12
N VAL A 259 -4.36 -13.72 -4.80
CA VAL A 259 -5.78 -13.64 -4.44
C VAL A 259 -6.64 -14.01 -5.65
N HIS A 260 -7.71 -14.75 -5.42
CA HIS A 260 -8.70 -15.01 -6.46
C HIS A 260 -9.93 -14.14 -6.21
N LEU A 261 -10.27 -13.29 -7.18
CA LEU A 261 -11.33 -12.32 -7.03
C LEU A 261 -12.64 -12.73 -7.71
N GLY A 262 -12.68 -13.89 -8.37
CA GLY A 262 -13.96 -14.35 -8.90
C GLY A 262 -14.49 -13.46 -10.01
N SER A 263 -15.80 -13.50 -10.20
CA SER A 263 -16.46 -12.68 -11.20
C SER A 263 -17.93 -12.52 -10.84
N GLY A 264 -18.61 -11.65 -11.59
CA GLY A 264 -20.04 -11.45 -11.40
C GLY A 264 -20.35 -10.17 -10.65
N THR A 265 -21.61 -9.73 -10.77
CA THR A 265 -22.09 -8.53 -10.13
C THR A 265 -22.60 -8.84 -8.73
N ARG A 266 -22.68 -7.80 -7.91
CA ARG A 266 -23.31 -7.91 -6.59
C ARG A 266 -24.58 -7.05 -6.55
N SAH B . -3.15 0.14 -4.38
CA SAH B . -3.00 0.17 -5.82
CB SAH B . -1.59 0.60 -6.19
CG SAH B . -1.41 2.09 -5.93
SD SAH B . 0.10 2.67 -6.70
C SAH B . -3.32 -1.18 -6.44
O SAH B . -3.36 -1.34 -7.67
OXT SAH B . -3.55 -2.12 -5.69
C5' SAH B . -0.18 4.38 -6.18
C4' SAH B . -0.82 5.20 -7.28
O4' SAH B . -1.02 6.52 -6.81
C3' SAH B . 0.03 5.31 -8.55
O3' SAH B . -0.63 4.70 -9.63
C2' SAH B . 0.16 6.80 -8.79
O2' SAH B . -0.05 7.16 -10.14
C1' SAH B . -0.94 7.37 -7.92
N9 SAH B . -0.65 8.76 -7.57
C8 SAH B . 0.57 9.33 -7.34
N7 SAH B . 0.37 10.64 -7.09
C5 SAH B . -0.94 10.91 -7.15
C6 SAH B . -1.68 12.07 -6.98
N6 SAH B . -1.08 13.22 -6.68
N1 SAH B . -3.05 12.01 -7.12
C2 SAH B . -3.68 10.82 -7.42
N3 SAH B . -2.95 9.69 -7.60
C4 SAH B . -1.60 9.73 -7.46
PG GTP C . 10.88 -2.15 -9.02
O1G GTP C . 11.90 -1.29 -9.74
O2G GTP C . 10.88 -3.55 -9.61
O3G GTP C . 9.52 -1.52 -9.12
O3B GTP C . 11.26 -2.24 -7.44
PB GTP C . 12.75 -2.20 -6.81
O1B GTP C . 12.85 -3.33 -5.83
O2B GTP C . 13.87 -2.29 -7.81
O3A GTP C . 12.87 -0.81 -5.98
PA GTP C . 12.95 0.66 -6.61
O1A GTP C . 13.46 0.64 -8.04
O2A GTP C . 11.62 1.32 -6.39
O5' GTP C . 14.02 1.40 -5.64
C5' GTP C . 13.77 1.50 -4.25
C4' GTP C . 14.96 2.15 -3.58
O4' GTP C . 16.03 1.23 -3.73
C3' GTP C . 15.44 3.41 -4.28
O3' GTP C . 14.81 4.58 -3.80
C2' GTP C . 16.93 3.40 -4.00
O2' GTP C . 17.14 3.88 -2.69
C1' GTP C . 17.25 1.92 -4.01
N9 GTP C . 17.75 1.46 -5.33
C8 GTP C . 17.05 1.38 -6.51
N7 GTP C . 17.84 0.88 -7.48
C5 GTP C . 19.04 0.61 -6.93
C6 GTP C . 20.22 0.10 -7.46
O6 GTP C . 20.29 -0.23 -8.66
N1 GTP C . 21.31 -0.06 -6.62
C2 GTP C . 21.23 0.29 -5.28
N2 GTP C . 22.29 0.12 -4.49
N3 GTP C . 20.06 0.81 -4.77
C4 GTP C . 19.00 0.97 -5.58
MG MG D . 13.84 -0.86 -9.43
#